data_9D2K
#
_entry.id   9D2K
#
_cell.length_a   112.983
_cell.length_b   112.983
_cell.length_c   223.834
_cell.angle_alpha   90.000
_cell.angle_beta   90.000
_cell.angle_gamma   90.000
#
_symmetry.space_group_name_H-M   'P 41 21 2'
#
loop_
_entity.id
_entity.type
_entity.pdbx_description
1 polymer 'Papain-like protease nsp3'
2 non-polymer 2-(3-{2-[4-(3,3-dimethylazetidin-1-yl)-4-oxobutanoyl]hydrazin-1-yl}-3-oxopropyl)-N-{(1R)-1-[(3P,5P)-3-(1-ethyl-1H-pyrazol-3-yl)-5-(1-methyl-1H-pyrazol-4-yl)phenyl]ethyl}benzamide
3 non-polymer 2,3-DIHYDROXY-1,4-DITHIOBUTANE
4 non-polymer 'ZINC ION'
5 non-polymer 'CHLORIDE ION'
6 water water
#
_entity_poly.entity_id   1
_entity_poly.type   'polypeptide(L)'
_entity_poly.pdbx_seq_one_letter_code
;SNAEVRTIKVFTTVDNINLHTQVVDMSMTYGQQFGPTYLDGADVTKIKPHNSHEGKTFYVLPNDDTLRVEAFEYYHTTDP
SFLGRYMSALNHTKKWKYPQVNGLTSIKWADNNCYLATALLTLQQIELKFNPPALQDAYYRARAGEAANFCALILAYCNK
TVGELGDVRETMSYLFQHANLDSCKRVLNVVCKTCGQQQTTLKGVEAVMYMGTLSYEQFKKGVQIPCTCGKQATKYLVQQ
ESPFVMMSAPPAQYELKHGTFTCASEYTGNYQCGHYKHITSKETLYCIDGALLTKSSEYKGPITDVFYKENSYTTTIK
;
_entity_poly.pdbx_strand_id   A,B
#
# COMPACT_ATOMS: atom_id res chain seq x y z
N ARG A 6 -15.91 47.93 15.20
CA ARG A 6 -15.68 47.16 13.99
C ARG A 6 -15.63 45.66 14.32
N THR A 7 -16.43 44.88 13.60
CA THR A 7 -16.61 43.45 13.89
C THR A 7 -16.67 42.66 12.59
N ILE A 8 -15.95 41.55 12.54
CA ILE A 8 -16.02 40.62 11.41
C ILE A 8 -16.53 39.28 11.94
N LYS A 9 -16.95 38.43 11.02
CA LYS A 9 -17.48 37.11 11.33
C LYS A 9 -16.55 36.03 10.79
N VAL A 10 -16.23 35.05 11.64
CA VAL A 10 -15.30 33.98 11.32
C VAL A 10 -15.87 32.65 11.80
N PHE A 11 -15.16 31.57 11.48
CA PHE A 11 -15.47 30.22 11.95
C PHE A 11 -14.37 29.73 12.89
N THR A 12 -14.77 29.16 14.02
CA THR A 12 -13.85 28.46 14.91
C THR A 12 -14.19 26.97 14.91
N THR A 13 -13.16 26.14 15.04
CA THR A 13 -13.35 24.70 14.99
C THR A 13 -12.21 24.02 15.72
N VAL A 14 -12.41 22.74 16.01
CA VAL A 14 -11.32 21.88 16.47
C VAL A 14 -11.05 20.72 15.54
N ASP A 15 -11.98 20.37 14.64
CA ASP A 15 -11.82 19.26 13.72
C ASP A 15 -11.94 19.64 12.26
N ASN A 16 -12.24 20.91 11.97
CA ASN A 16 -12.48 21.39 10.60
C ASN A 16 -13.65 20.65 9.95
N ILE A 17 -14.57 20.14 10.77
CA ILE A 17 -15.76 19.45 10.30
C ILE A 17 -16.97 20.17 10.87
N ASN A 18 -17.03 20.27 12.20
CA ASN A 18 -18.06 21.04 12.88
C ASN A 18 -17.55 22.46 13.04
N LEU A 19 -18.06 23.37 12.21
CA LEU A 19 -17.68 24.78 12.28
C LEU A 19 -18.67 25.56 13.12
N HIS A 20 -18.15 26.53 13.86
CA HIS A 20 -18.97 27.35 14.76
C HIS A 20 -18.78 28.81 14.41
N THR A 21 -19.87 29.48 14.03
CA THR A 21 -19.82 30.90 13.70
C THR A 21 -19.58 31.74 14.94
N GLN A 22 -18.72 32.75 14.80
CA GLN A 22 -18.35 33.63 15.91
C GLN A 22 -18.26 35.06 15.42
N VAL A 23 -18.54 36.00 16.33
CA VAL A 23 -18.33 37.42 16.09
C VAL A 23 -17.10 37.84 16.89
N VAL A 24 -16.22 38.61 16.26
CA VAL A 24 -14.94 38.96 16.84
C VAL A 24 -14.73 40.46 16.70
N ASP A 25 -14.31 41.11 17.78
CA ASP A 25 -14.00 42.54 17.75
C ASP A 25 -12.62 42.75 17.12
N MET A 26 -12.57 43.60 16.10
CA MET A 26 -11.32 43.83 15.37
C MET A 26 -10.30 44.64 16.18
N SER A 27 -10.67 45.12 17.37
CA SER A 27 -9.76 45.89 18.21
C SER A 27 -9.10 45.03 19.29
N MET A 28 -9.54 43.80 19.47
CA MET A 28 -8.96 42.88 20.45
C MET A 28 -8.26 41.74 19.72
N THR A 29 -7.20 41.22 20.33
CA THR A 29 -6.53 40.08 19.74
C THR A 29 -7.40 38.83 19.83
N TYR A 30 -7.07 37.83 19.02
CA TYR A 30 -7.84 36.59 19.02
C TYR A 30 -7.75 35.89 20.38
N GLY A 31 -6.61 36.00 21.06
CA GLY A 31 -6.46 35.34 22.34
C GLY A 31 -7.36 35.90 23.42
N GLN A 32 -7.69 37.18 23.33
CA GLN A 32 -8.57 37.80 24.32
C GLN A 32 -10.03 37.38 24.13
N GLN A 33 -10.37 36.81 22.98
CA GLN A 33 -11.75 36.44 22.69
C GLN A 33 -11.94 34.95 22.46
N PHE A 34 -10.93 34.24 21.94
CA PHE A 34 -11.03 32.82 21.68
C PHE A 34 -10.01 31.99 22.45
N GLY A 35 -9.01 32.62 23.08
CA GLY A 35 -7.88 31.90 23.61
C GLY A 35 -6.88 31.63 22.49
N PRO A 36 -6.02 30.64 22.68
CA PRO A 36 -5.08 30.28 21.60
C PRO A 36 -5.83 29.96 20.31
N THR A 37 -5.42 30.63 19.23
CA THR A 37 -6.11 30.56 17.95
C THR A 37 -5.10 30.39 16.84
N TYR A 38 -5.45 29.58 15.83
CA TYR A 38 -4.54 29.24 14.75
C TYR A 38 -5.25 29.37 13.40
N LEU A 39 -4.49 29.76 12.38
CA LEU A 39 -4.96 29.86 11.01
C LEU A 39 -4.00 29.09 10.11
N ASP A 40 -4.42 27.92 9.65
CA ASP A 40 -3.59 27.04 8.82
C ASP A 40 -2.28 26.70 9.52
N GLY A 41 -2.37 26.40 10.81
CA GLY A 41 -1.20 26.07 11.62
C GLY A 41 -0.44 27.25 12.17
N ALA A 42 -0.70 28.46 11.68
CA ALA A 42 0.00 29.65 12.15
C ALA A 42 -0.68 30.21 13.40
N ASP A 43 0.11 30.53 14.42
CA ASP A 43 -0.41 31.07 15.67
C ASP A 43 -0.79 32.52 15.47
N VAL A 44 -2.07 32.84 15.68
CA VAL A 44 -2.59 34.19 15.55
C VAL A 44 -3.21 34.66 16.86
N THR A 45 -2.75 34.09 17.97
CA THR A 45 -3.31 34.43 19.28
C THR A 45 -3.13 35.92 19.59
N LYS A 46 -1.92 36.44 19.40
CA LYS A 46 -1.62 37.84 19.67
C LYS A 46 -1.62 38.68 18.40
N ILE A 47 -2.66 38.50 17.59
CA ILE A 47 -2.83 39.22 16.35
C ILE A 47 -4.24 39.78 16.30
N LYS A 48 -4.38 41.05 15.96
CA LYS A 48 -5.69 41.65 15.81
C LYS A 48 -6.32 41.17 14.51
N PRO A 49 -7.64 41.01 14.47
CA PRO A 49 -8.30 40.51 13.26
C PRO A 49 -8.11 41.47 12.10
N HIS A 50 -7.68 40.94 10.97
CA HIS A 50 -7.59 41.69 9.72
C HIS A 50 -8.84 41.44 8.87
N ASN A 51 -8.98 42.27 7.83
CA ASN A 51 -10.16 42.18 6.98
C ASN A 51 -10.15 40.95 6.09
N SER A 52 -8.96 40.46 5.72
CA SER A 52 -8.87 39.25 4.91
C SER A 52 -9.33 38.00 5.65
N HIS A 53 -9.46 38.08 6.98
CA HIS A 53 -9.90 36.95 7.79
C HIS A 53 -11.40 36.75 7.77
N GLU A 54 -12.15 37.53 7.00
CA GLU A 54 -13.61 37.40 6.96
C GLU A 54 -14.00 36.07 6.34
N GLY A 55 -14.66 35.22 7.12
CA GLY A 55 -15.17 33.95 6.62
C GLY A 55 -14.22 32.78 6.74
N LYS A 56 -12.95 33.03 7.10
CA LYS A 56 -11.98 31.95 7.19
C LYS A 56 -12.20 31.11 8.45
N THR A 57 -11.67 29.89 8.44
CA THR A 57 -11.83 28.95 9.53
C THR A 57 -10.60 28.96 10.43
N PHE A 58 -10.83 29.00 11.74
CA PHE A 58 -9.76 29.05 12.73
C PHE A 58 -9.85 27.86 13.68
N TYR A 59 -8.69 27.28 14.00
CA TYR A 59 -8.60 26.26 15.04
C TYR A 59 -8.42 26.94 16.40
N VAL A 60 -9.16 26.48 17.40
CA VAL A 60 -9.08 27.03 18.75
C VAL A 60 -8.96 25.90 19.75
N LEU A 61 -8.25 26.16 20.84
CA LEU A 61 -8.17 25.20 21.92
C LEU A 61 -9.55 24.97 22.52
N PRO A 62 -9.93 23.73 22.82
CA PRO A 62 -11.28 23.47 23.36
C PRO A 62 -11.49 24.15 24.70
N ASN A 63 -12.34 25.17 24.73
CA ASN A 63 -12.59 25.93 25.95
C ASN A 63 -13.96 25.68 26.57
N ASP A 64 -14.84 24.94 25.90
CA ASP A 64 -16.13 24.56 26.47
C ASP A 64 -16.37 23.08 26.18
N ASP A 65 -17.51 22.56 26.67
CA ASP A 65 -17.72 21.12 26.60
C ASP A 65 -18.02 20.66 25.18
N THR A 66 -18.70 21.48 24.38
CA THR A 66 -18.98 21.09 23.01
C THR A 66 -17.69 20.87 22.22
N LEU A 67 -16.71 21.76 22.40
CA LEU A 67 -15.45 21.61 21.70
C LEU A 67 -14.61 20.48 22.29
N ARG A 68 -14.74 20.22 23.59
CA ARG A 68 -14.02 19.10 24.18
C ARG A 68 -14.51 17.76 23.62
N VAL A 69 -15.82 17.60 23.50
CA VAL A 69 -16.37 16.36 22.95
C VAL A 69 -15.96 16.22 21.48
N GLU A 70 -16.11 17.29 20.71
CA GLU A 70 -15.72 17.25 19.30
C GLU A 70 -14.23 16.96 19.15
N ALA A 71 -13.40 17.50 20.05
CA ALA A 71 -11.97 17.26 19.95
C ALA A 71 -11.61 15.81 20.20
N PHE A 72 -12.26 15.17 21.17
CA PHE A 72 -11.96 13.76 21.43
C PHE A 72 -12.45 12.89 20.28
N GLU A 73 -13.68 13.13 19.82
CA GLU A 73 -14.21 12.30 18.75
C GLU A 73 -13.35 12.37 17.49
N TYR A 74 -12.59 13.44 17.32
CA TYR A 74 -11.70 13.56 16.17
C TYR A 74 -10.29 13.07 16.45
N TYR A 75 -9.72 13.40 17.61
CA TYR A 75 -8.34 13.05 17.92
C TYR A 75 -8.19 11.93 18.94
N HIS A 76 -9.25 11.56 19.65
CA HIS A 76 -9.21 10.52 20.68
C HIS A 76 -8.21 10.85 21.78
N THR A 77 -8.13 12.13 22.13
CA THR A 77 -7.32 12.58 23.26
C THR A 77 -8.02 13.74 23.94
N THR A 78 -7.87 13.81 25.27
CA THR A 78 -8.38 14.92 26.05
C THR A 78 -7.28 15.85 26.54
N ASP A 79 -6.03 15.59 26.18
CA ASP A 79 -4.91 16.46 26.51
C ASP A 79 -5.18 17.85 25.95
N PRO A 80 -5.29 18.88 26.79
CA PRO A 80 -5.64 20.22 26.27
C PRO A 80 -4.61 20.79 25.32
N SER A 81 -3.35 20.38 25.44
CA SER A 81 -2.29 20.94 24.62
C SER A 81 -2.14 20.27 23.27
N PHE A 82 -2.86 19.17 23.02
CA PHE A 82 -2.64 18.40 21.79
C PHE A 82 -2.85 19.26 20.55
N LEU A 83 -3.97 19.97 20.48
CA LEU A 83 -4.25 20.77 19.29
C LEU A 83 -3.14 21.78 19.03
N GLY A 84 -2.60 22.39 20.09
CA GLY A 84 -1.54 23.36 19.90
C GLY A 84 -0.27 22.74 19.34
N ARG A 85 0.16 21.61 19.93
CA ARG A 85 1.33 20.91 19.40
C ARG A 85 1.11 20.44 17.98
N TYR A 86 -0.12 20.01 17.67
CA TYR A 86 -0.46 19.65 16.30
C TYR A 86 -0.32 20.85 15.37
N MET A 87 -0.95 21.96 15.72
CA MET A 87 -0.88 23.16 14.87
C MET A 87 0.54 23.68 14.77
N SER A 88 1.29 23.66 15.88
CA SER A 88 2.66 24.16 15.84
CA SER A 88 2.66 24.16 15.84
C SER A 88 3.54 23.30 14.95
N ALA A 89 3.30 21.98 14.94
CA ALA A 89 4.06 21.11 14.05
C ALA A 89 3.61 21.26 12.61
N LEU A 90 2.30 21.44 12.40
CA LEU A 90 1.76 21.59 11.06
C LEU A 90 2.31 22.82 10.36
N ASN A 91 2.60 23.89 11.12
CA ASN A 91 3.14 25.10 10.51
C ASN A 91 4.47 24.84 9.81
N HIS A 92 5.21 23.81 10.23
CA HIS A 92 6.45 23.44 9.59
C HIS A 92 6.29 22.34 8.55
N THR A 93 5.52 21.29 8.87
CA THR A 93 5.41 20.16 7.96
C THR A 93 4.72 20.54 6.66
N LYS A 94 3.87 21.58 6.67
CA LYS A 94 3.27 22.06 5.44
C LYS A 94 4.29 22.69 4.50
N LYS A 95 5.50 22.99 4.98
CA LYS A 95 6.56 23.53 4.14
C LYS A 95 7.50 22.46 3.62
N TRP A 96 7.37 21.22 4.09
CA TRP A 96 8.18 20.12 3.57
C TRP A 96 7.70 19.70 2.19
N LYS A 97 8.58 19.00 1.47
CA LYS A 97 8.26 18.42 0.18
C LYS A 97 8.07 16.92 0.34
N TYR A 98 7.02 16.39 -0.30
CA TYR A 98 6.64 14.98 -0.17
C TYR A 98 6.66 14.32 -1.55
N PRO A 99 7.84 14.03 -2.07
CA PRO A 99 7.91 13.46 -3.42
C PRO A 99 7.49 12.00 -3.43
N GLN A 100 7.01 11.56 -4.60
CA GLN A 100 6.70 10.15 -4.80
C GLN A 100 7.97 9.42 -5.20
N VAL A 101 8.37 8.43 -4.39
CA VAL A 101 9.62 7.70 -4.59
C VAL A 101 9.28 6.22 -4.62
N ASN A 102 9.49 5.58 -5.77
CA ASN A 102 9.24 4.15 -5.95
C ASN A 102 7.79 3.80 -5.58
N GLY A 103 6.85 4.65 -6.01
CA GLY A 103 5.45 4.43 -5.73
C GLY A 103 5.03 4.69 -4.31
N LEU A 104 5.86 5.35 -3.52
CA LEU A 104 5.56 5.66 -2.13
C LEU A 104 5.77 7.15 -1.88
N THR A 105 5.02 7.68 -0.92
CA THR A 105 5.16 9.07 -0.51
C THR A 105 6.28 9.17 0.52
N SER A 106 7.33 9.90 0.19
CA SER A 106 8.48 10.12 1.06
C SER A 106 8.52 11.59 1.49
N ILE A 107 9.61 11.97 2.16
CA ILE A 107 9.81 13.34 2.60
C ILE A 107 11.21 13.79 2.19
N LYS A 108 11.31 14.91 1.48
CA LYS A 108 12.59 15.56 1.28
C LYS A 108 13.17 15.99 2.64
N TRP A 109 14.47 15.78 2.82
CA TRP A 109 15.06 15.97 4.13
C TRP A 109 14.92 17.41 4.61
N ALA A 110 14.57 17.56 5.89
CA ALA A 110 14.45 18.84 6.56
C ALA A 110 14.25 18.58 8.04
N ASP A 111 14.78 19.47 8.88
CA ASP A 111 14.47 19.46 10.31
C ASP A 111 14.66 18.08 10.93
N ASN A 112 15.67 17.35 10.46
CA ASN A 112 16.03 16.04 11.01
C ASN A 112 14.86 15.05 10.96
N ASN A 113 14.22 14.96 9.79
CA ASN A 113 13.05 14.10 9.63
C ASN A 113 13.40 12.73 9.04
N CYS A 114 14.66 12.31 9.14
CA CYS A 114 15.07 11.02 8.59
C CYS A 114 14.21 9.89 9.15
N TYR A 115 13.94 9.91 10.45
CA TYR A 115 13.14 8.83 11.04
C TYR A 115 11.67 8.94 10.66
N LEU A 116 11.16 10.16 10.48
CA LEU A 116 9.77 10.32 10.04
C LEU A 116 9.58 9.77 8.64
N ALA A 117 10.52 10.07 7.73
CA ALA A 117 10.42 9.56 6.38
C ALA A 117 10.40 8.03 6.37
N THR A 118 11.26 7.39 7.18
CA THR A 118 11.28 5.93 7.23
C THR A 118 9.97 5.38 7.79
N ALA A 119 9.42 6.02 8.81
CA ALA A 119 8.14 5.58 9.35
C ALA A 119 7.02 5.76 8.33
N LEU A 120 6.99 6.91 7.66
CA LEU A 120 5.94 7.17 6.66
C LEU A 120 5.99 6.13 5.54
N LEU A 121 7.19 5.81 5.06
CA LEU A 121 7.31 4.81 4.00
C LEU A 121 6.85 3.44 4.48
N THR A 122 7.15 3.09 5.73
CA THR A 122 6.73 1.80 6.26
C THR A 122 5.21 1.72 6.40
N LEU A 123 4.59 2.78 6.91
CA LEU A 123 3.14 2.76 7.13
C LEU A 123 2.38 2.51 5.84
N GLN A 124 2.93 2.93 4.71
CA GLN A 124 2.29 2.73 3.41
C GLN A 124 2.43 1.32 2.87
N GLN A 125 3.11 0.42 3.60
CA GLN A 125 3.35 -0.93 3.12
C GLN A 125 2.82 -2.00 4.05
N ILE A 126 2.15 -1.63 5.13
CA ILE A 126 1.53 -2.58 6.04
C ILE A 126 0.06 -2.26 6.18
N GLU A 127 -0.74 -3.28 6.46
CA GLU A 127 -2.19 -3.12 6.55
C GLU A 127 -2.55 -2.55 7.92
N LEU A 128 -3.11 -1.35 7.92
CA LEU A 128 -3.28 -0.61 9.17
C LEU A 128 -4.50 0.29 9.07
N LYS A 129 -5.35 0.28 10.09
CA LYS A 129 -6.45 1.22 10.22
C LYS A 129 -6.32 1.97 11.54
N PHE A 130 -6.33 3.30 11.47
CA PHE A 130 -6.18 4.12 12.66
C PHE A 130 -7.53 4.42 13.30
N ASN A 131 -7.56 4.39 14.64
CA ASN A 131 -8.80 4.67 15.35
C ASN A 131 -9.20 6.14 15.29
N PRO A 132 -8.34 7.12 15.56
CA PRO A 132 -8.76 8.52 15.48
C PRO A 132 -9.10 8.90 14.06
N PRO A 133 -10.30 9.43 13.82
CA PRO A 133 -10.63 9.92 12.47
C PRO A 133 -9.61 10.91 11.93
N ALA A 134 -9.00 11.72 12.79
CA ALA A 134 -7.97 12.65 12.35
C ALA A 134 -6.80 11.92 11.72
N LEU A 135 -6.34 10.84 12.36
CA LEU A 135 -5.23 10.07 11.81
C LEU A 135 -5.60 9.37 10.52
N GLN A 136 -6.78 8.74 10.50
CA GLN A 136 -7.19 8.00 9.30
C GLN A 136 -7.35 8.93 8.11
N ASP A 137 -7.99 10.09 8.32
CA ASP A 137 -8.13 11.06 7.23
C ASP A 137 -6.76 11.50 6.72
N ALA A 138 -5.85 11.82 7.63
CA ALA A 138 -4.52 12.26 7.23
C ALA A 138 -3.73 11.12 6.61
N TYR A 139 -3.93 9.89 7.09
CA TYR A 139 -3.33 8.72 6.47
C TYR A 139 -3.68 8.63 4.99
N TYR A 140 -4.97 8.76 4.67
CA TYR A 140 -5.41 8.72 3.28
C TYR A 140 -4.77 9.83 2.46
N ARG A 141 -4.86 11.08 2.93
CA ARG A 141 -4.30 12.19 2.19
C ARG A 141 -2.78 12.06 2.05
N ALA A 142 -2.14 11.35 2.97
CA ALA A 142 -0.70 11.13 2.86
C ALA A 142 -0.38 10.21 1.70
N ARG A 143 -1.19 9.17 1.47
CA ARG A 143 -0.96 8.28 0.34
C ARG A 143 -1.11 9.02 -0.98
N ALA A 144 -1.98 10.04 -1.02
CA ALA A 144 -2.16 10.84 -2.22
C ALA A 144 -1.10 11.91 -2.40
N GLY A 145 -0.19 12.08 -1.44
CA GLY A 145 0.89 13.02 -1.56
C GLY A 145 0.77 14.26 -0.68
N GLU A 146 -0.32 14.40 0.08
CA GLU A 146 -0.52 15.52 0.98
C GLU A 146 -0.33 15.04 2.42
N ALA A 147 0.95 14.81 2.77
CA ALA A 147 1.30 14.16 4.01
C ALA A 147 1.60 15.13 5.15
N ALA A 148 1.39 16.44 4.94
CA ALA A 148 1.74 17.41 5.96
C ALA A 148 0.95 17.17 7.25
N ASN A 149 -0.38 17.06 7.15
CA ASN A 149 -1.19 16.84 8.34
C ASN A 149 -0.84 15.52 9.01
N PHE A 150 -0.53 14.49 8.22
CA PHE A 150 -0.19 13.20 8.79
C PHE A 150 1.10 13.28 9.60
N CYS A 151 2.15 13.89 9.03
CA CYS A 151 3.39 14.03 9.77
C CYS A 151 3.21 14.88 11.03
N ALA A 152 2.42 15.96 10.92
CA ALA A 152 2.17 16.80 12.08
C ALA A 152 1.44 16.03 13.17
N LEU A 153 0.46 15.22 12.79
CA LEU A 153 -0.26 14.42 13.78
C LEU A 153 0.66 13.36 14.40
N ILE A 154 1.54 12.77 13.60
CA ILE A 154 2.49 11.78 14.13
C ILE A 154 3.35 12.42 15.21
N LEU A 155 3.85 13.63 14.95
CA LEU A 155 4.66 14.33 15.96
C LEU A 155 3.85 14.61 17.21
N ALA A 156 2.60 15.04 17.04
CA ALA A 156 1.76 15.36 18.20
C ALA A 156 1.46 14.13 19.03
N TYR A 157 1.07 13.03 18.38
CA TYR A 157 0.74 11.81 19.13
C TYR A 157 1.96 11.22 19.83
N CYS A 158 3.17 11.54 19.37
CA CYS A 158 4.39 11.00 19.95
C CYS A 158 5.07 11.96 20.91
N ASN A 159 4.49 13.14 21.14
CA ASN A 159 5.10 14.18 21.98
C ASN A 159 6.50 14.52 21.51
N LYS A 160 6.67 14.66 20.20
CA LYS A 160 7.91 15.14 19.61
C LYS A 160 7.62 16.42 18.84
N THR A 161 8.65 17.24 18.67
CA THR A 161 8.53 18.50 17.96
C THR A 161 9.42 18.49 16.73
N VAL A 162 9.11 19.39 15.79
CA VAL A 162 9.91 19.51 14.57
C VAL A 162 11.35 19.83 14.94
N GLY A 163 12.28 19.08 14.35
CA GLY A 163 13.70 19.27 14.61
C GLY A 163 14.33 18.21 15.48
N GLU A 164 13.59 17.71 16.47
CA GLU A 164 14.10 16.69 17.36
C GLU A 164 14.41 15.40 16.60
N LEU A 165 15.52 14.76 16.97
CA LEU A 165 15.80 13.43 16.43
C LEU A 165 14.82 12.42 17.01
N GLY A 166 14.67 11.30 16.32
CA GLY A 166 13.68 10.32 16.73
C GLY A 166 14.07 8.89 16.40
N ASP A 167 13.40 7.96 17.07
CA ASP A 167 13.56 6.52 16.84
C ASP A 167 12.35 6.01 16.07
N VAL A 168 12.62 5.23 15.02
CA VAL A 168 11.53 4.70 14.20
C VAL A 168 10.71 3.68 14.97
N ARG A 169 11.36 2.83 15.77
CA ARG A 169 10.63 1.81 16.49
C ARG A 169 9.71 2.42 17.55
N GLU A 170 10.19 3.45 18.26
CA GLU A 170 9.35 4.13 19.23
C GLU A 170 8.19 4.86 18.54
N THR A 171 8.45 5.42 17.37
CA THR A 171 7.39 6.09 16.62
C THR A 171 6.33 5.10 16.15
N MET A 172 6.76 3.98 15.56
CA MET A 172 5.80 2.95 15.14
C MET A 172 5.00 2.46 16.33
N SER A 173 5.64 2.31 17.50
CA SER A 173 4.96 1.79 18.68
C SER A 173 3.81 2.71 19.09
N TYR A 174 4.06 4.01 19.11
CA TYR A 174 3.00 4.96 19.46
C TYR A 174 1.84 4.88 18.47
N LEU A 175 2.15 4.81 17.17
CA LEU A 175 1.10 4.76 16.16
C LEU A 175 0.27 3.48 16.28
N PHE A 176 0.91 2.36 16.61
CA PHE A 176 0.16 1.11 16.78
C PHE A 176 -0.81 1.23 17.95
N GLN A 177 -0.44 1.96 19.00
CA GLN A 177 -1.34 2.18 20.12
CA GLN A 177 -1.35 2.17 20.12
C GLN A 177 -2.61 2.91 19.70
N HIS A 178 -2.59 3.61 18.57
CA HIS A 178 -3.75 4.33 18.07
C HIS A 178 -4.35 3.64 16.84
N ALA A 179 -3.98 2.39 16.60
CA ALA A 179 -4.48 1.62 15.47
C ALA A 179 -5.30 0.44 15.98
N ASN A 180 -6.15 -0.07 15.10
CA ASN A 180 -7.04 -1.18 15.43
C ASN A 180 -6.26 -2.47 15.28
N LEU A 181 -5.57 -2.87 16.35
CA LEU A 181 -4.84 -4.13 16.40
C LEU A 181 -5.46 -5.09 17.43
N ASP A 182 -6.78 -4.96 17.64
CA ASP A 182 -7.45 -5.81 18.61
C ASP A 182 -7.55 -7.25 18.13
N SER A 183 -7.64 -7.46 16.82
CA SER A 183 -7.71 -8.81 16.28
C SER A 183 -6.38 -9.55 16.37
N CYS A 184 -5.28 -8.84 16.63
CA CYS A 184 -3.96 -9.45 16.61
C CYS A 184 -3.70 -10.24 17.89
N LYS A 185 -3.35 -11.52 17.72
CA LYS A 185 -3.03 -12.40 18.83
C LYS A 185 -1.67 -13.05 18.58
N ARG A 186 -0.92 -13.26 19.65
CA ARG A 186 0.35 -13.97 19.56
C ARG A 186 0.53 -14.83 20.80
N VAL A 187 0.67 -16.14 20.59
CA VAL A 187 0.91 -17.10 21.66
C VAL A 187 2.38 -17.49 21.65
N LEU A 188 3.05 -17.35 22.79
CA LEU A 188 4.47 -17.66 22.91
C LEU A 188 4.66 -18.77 23.92
N ASN A 189 5.78 -19.48 23.77
CA ASN A 189 6.12 -20.57 24.66
C ASN A 189 7.59 -20.46 25.02
N VAL A 190 7.90 -20.55 26.31
CA VAL A 190 9.26 -20.52 26.81
C VAL A 190 9.56 -21.84 27.50
N VAL A 191 10.54 -22.58 26.99
CA VAL A 191 10.96 -23.86 27.56
C VAL A 191 12.24 -23.65 28.35
N CYS A 192 12.24 -24.10 29.61
CA CYS A 192 13.38 -23.94 30.50
C CYS A 192 13.71 -25.31 31.08
N LYS A 193 14.89 -25.82 30.76
CA LYS A 193 15.34 -27.14 31.19
C LYS A 193 15.02 -27.40 32.66
N THR A 194 15.39 -26.46 33.54
CA THR A 194 15.12 -26.60 34.96
C THR A 194 13.67 -26.29 35.30
N CYS A 195 13.27 -25.02 35.18
CA CYS A 195 11.96 -24.58 35.65
C CYS A 195 10.83 -25.29 34.90
N GLY A 196 10.87 -25.25 33.57
CA GLY A 196 9.86 -25.95 32.79
C GLY A 196 9.34 -25.19 31.60
N GLN A 197 8.06 -25.38 31.29
CA GLN A 197 7.42 -24.77 30.13
C GLN A 197 6.29 -23.85 30.56
N GLN A 198 6.26 -22.67 29.94
CA GLN A 198 5.25 -21.65 30.23
C GLN A 198 4.77 -21.05 28.91
N GLN A 199 3.45 -21.03 28.71
CA GLN A 199 2.86 -20.53 27.49
C GLN A 199 2.05 -19.27 27.79
N THR A 200 2.46 -18.14 27.21
CA THR A 200 1.77 -16.87 27.35
C THR A 200 1.15 -16.45 26.03
N THR A 201 0.12 -15.63 26.11
CA THR A 201 -0.51 -15.03 24.94
C THR A 201 -0.48 -13.52 25.06
N LEU A 202 -0.15 -12.85 23.96
CA LEU A 202 -0.10 -11.40 23.91
C LEU A 202 -1.13 -10.90 22.91
N LYS A 203 -1.72 -9.75 23.21
CA LYS A 203 -2.73 -9.13 22.36
C LYS A 203 -2.32 -7.70 22.05
N GLY A 204 -2.94 -7.14 21.02
CA GLY A 204 -2.71 -5.74 20.69
C GLY A 204 -1.31 -5.50 20.16
N VAL A 205 -0.75 -4.35 20.53
CA VAL A 205 0.55 -3.93 20.01
C VAL A 205 1.64 -4.94 20.36
N GLU A 206 1.53 -5.59 21.51
CA GLU A 206 2.54 -6.56 21.92
C GLU A 206 2.53 -7.80 21.07
N ALA A 207 1.46 -8.05 20.31
CA ALA A 207 1.38 -9.22 19.46
C ALA A 207 2.12 -9.04 18.13
N VAL A 208 2.38 -7.79 17.72
CA VAL A 208 3.00 -7.53 16.43
C VAL A 208 4.42 -7.00 16.53
N MET A 209 4.90 -6.67 17.73
CA MET A 209 6.23 -6.11 17.90
C MET A 209 7.07 -7.04 18.79
N TYR A 210 8.34 -7.18 18.44
CA TYR A 210 9.25 -7.95 19.27
C TYR A 210 10.64 -7.34 19.17
N MET A 211 11.32 -7.23 20.32
CA MET A 211 12.68 -6.72 20.41
C MET A 211 13.60 -7.89 20.74
N GLY A 212 14.61 -8.10 19.89
CA GLY A 212 15.53 -9.22 20.10
C GLY A 212 16.25 -9.66 18.84
N THR A 213 15.51 -10.23 17.89
CA THR A 213 16.10 -10.67 16.63
C THR A 213 15.40 -10.01 15.46
N LEU A 214 16.12 -9.91 14.35
CA LEU A 214 15.53 -9.41 13.11
C LEU A 214 14.86 -10.52 12.29
N SER A 215 15.23 -11.77 12.53
CA SER A 215 14.75 -12.87 11.71
C SER A 215 13.43 -13.39 12.25
N TYR A 216 12.38 -13.35 11.41
CA TYR A 216 11.12 -13.99 11.76
C TYR A 216 11.26 -15.49 11.83
N GLU A 217 12.13 -16.07 11.00
CA GLU A 217 12.35 -17.52 11.02
C GLU A 217 12.96 -17.95 12.34
N GLN A 218 13.99 -17.24 12.79
CA GLN A 218 14.62 -17.56 14.07
C GLN A 218 13.63 -17.44 15.23
N PHE A 219 12.74 -16.45 15.16
CA PHE A 219 11.72 -16.33 16.20
C PHE A 219 10.80 -17.54 16.21
N LYS A 220 10.54 -18.12 15.03
CA LYS A 220 9.75 -19.34 14.95
C LYS A 220 10.50 -20.53 15.53
N LYS A 221 11.80 -20.63 15.24
CA LYS A 221 12.61 -21.74 15.75
C LYS A 221 12.87 -21.60 17.25
N GLY A 222 13.36 -20.45 17.67
CA GLY A 222 13.59 -20.20 19.09
C GLY A 222 14.72 -19.21 19.31
N VAL A 223 14.58 -18.42 20.38
CA VAL A 223 15.59 -17.45 20.78
C VAL A 223 15.92 -17.67 22.25
N GLN A 224 17.12 -17.26 22.64
CA GLN A 224 17.62 -17.48 23.99
C GLN A 224 17.24 -16.32 24.90
N ILE A 225 16.66 -16.64 26.06
CA ILE A 225 16.15 -15.64 26.98
C ILE A 225 16.41 -16.10 28.42
N PRO A 226 16.85 -15.23 29.31
CA PRO A 226 17.10 -15.67 30.69
C PRO A 226 15.81 -16.08 31.37
N CYS A 227 15.86 -17.20 32.09
CA CYS A 227 14.74 -17.66 32.90
C CYS A 227 14.81 -17.01 34.27
N THR A 228 13.65 -16.99 34.93
CA THR A 228 13.62 -16.44 36.28
C THR A 228 14.22 -17.40 37.31
N CYS A 229 14.85 -18.47 36.84
CA CYS A 229 15.49 -19.46 37.69
C CYS A 229 17.02 -19.38 37.70
N GLY A 230 17.62 -18.92 36.62
CA GLY A 230 19.07 -18.83 36.53
C GLY A 230 19.65 -19.51 35.31
N LYS A 231 18.78 -20.05 34.45
CA LYS A 231 19.20 -20.73 33.24
C LYS A 231 18.72 -19.95 32.02
N GLN A 232 19.45 -20.08 30.92
CA GLN A 232 19.10 -19.41 29.67
C GLN A 232 18.05 -20.26 28.97
N ALA A 233 16.78 -19.83 29.07
CA ALA A 233 15.69 -20.56 28.45
C ALA A 233 15.57 -20.19 26.97
N THR A 234 14.66 -20.89 26.28
CA THR A 234 14.42 -20.70 24.86
C THR A 234 12.95 -20.33 24.65
N LYS A 235 12.70 -19.29 23.88
CA LYS A 235 11.35 -18.84 23.58
C LYS A 235 11.11 -19.00 22.08
N TYR A 236 9.91 -19.46 21.73
CA TYR A 236 9.54 -19.69 20.35
C TYR A 236 8.09 -19.31 20.15
N LEU A 237 7.74 -19.02 18.89
CA LEU A 237 6.41 -18.55 18.54
C LEU A 237 5.49 -19.75 18.30
N VAL A 238 4.33 -19.72 18.93
CA VAL A 238 3.35 -20.81 18.84
C VAL A 238 2.25 -20.50 17.85
N GLN A 239 1.59 -19.35 18.02
CA GLN A 239 0.57 -18.91 17.10
C GLN A 239 0.73 -17.41 16.87
N GLN A 240 0.42 -16.98 15.65
CA GLN A 240 0.52 -15.58 15.28
C GLN A 240 -0.63 -15.26 14.34
N GLU A 241 -1.56 -14.44 14.80
CA GLU A 241 -2.71 -14.00 14.00
C GLU A 241 -2.63 -12.49 13.89
N SER A 242 -2.01 -12.00 12.81
CA SER A 242 -1.84 -10.57 12.62
C SER A 242 -1.52 -10.32 11.14
N PRO A 243 -1.82 -9.12 10.63
CA PRO A 243 -1.52 -8.85 9.21
C PRO A 243 -0.03 -8.63 8.95
N PHE A 244 0.76 -8.35 9.98
CA PHE A 244 2.20 -8.15 9.82
C PHE A 244 2.86 -8.42 11.17
N VAL A 245 4.19 -8.48 11.14
CA VAL A 245 5.00 -8.54 12.36
C VAL A 245 6.22 -7.63 12.16
N MET A 246 6.56 -6.90 13.22
CA MET A 246 7.74 -6.04 13.26
C MET A 246 8.79 -6.68 14.13
N MET A 247 9.95 -6.98 13.55
CA MET A 247 11.08 -7.58 14.27
C MET A 247 12.18 -6.54 14.40
N SER A 248 12.48 -6.15 15.64
CA SER A 248 13.51 -5.15 15.90
C SER A 248 14.64 -5.75 16.72
N ALA A 249 15.81 -5.13 16.60
CA ALA A 249 17.01 -5.54 17.30
C ALA A 249 18.02 -4.39 17.22
N PRO A 250 18.97 -4.32 18.15
CA PRO A 250 20.01 -3.28 18.08
C PRO A 250 20.77 -3.39 16.77
N PRO A 251 21.12 -2.26 16.15
CA PRO A 251 21.70 -2.29 14.80
C PRO A 251 22.86 -3.28 14.68
N ALA A 252 22.76 -4.12 13.66
CA ALA A 252 23.76 -5.16 13.41
C ALA A 252 23.80 -5.43 11.92
N GLN A 253 24.98 -5.83 11.43
CA GLN A 253 25.09 -6.22 10.03
C GLN A 253 24.18 -7.39 9.74
N TYR A 254 23.36 -7.25 8.70
CA TYR A 254 22.31 -8.20 8.40
C TYR A 254 22.18 -8.28 6.88
N GLU A 255 21.81 -9.46 6.39
CA GLU A 255 21.64 -9.68 4.96
C GLU A 255 20.15 -9.77 4.64
N LEU A 256 19.65 -8.82 3.86
CA LEU A 256 18.27 -8.84 3.40
C LEU A 256 18.22 -9.51 2.03
N LYS A 257 17.39 -10.54 1.90
CA LYS A 257 17.22 -11.25 0.65
C LYS A 257 15.90 -10.85 0.02
N HIS A 258 15.93 -10.53 -1.26
CA HIS A 258 14.75 -10.08 -1.97
C HIS A 258 13.61 -11.09 -1.86
N GLY A 259 12.41 -10.61 -1.55
CA GLY A 259 11.23 -11.44 -1.49
C GLY A 259 11.01 -12.16 -0.19
N THR A 260 11.89 -12.03 0.79
CA THR A 260 11.75 -12.69 2.08
C THR A 260 11.25 -11.76 3.18
N PHE A 261 11.10 -10.47 2.88
CA PHE A 261 10.63 -9.48 3.84
C PHE A 261 9.84 -8.42 3.10
N THR A 262 9.13 -7.58 3.85
CA THR A 262 8.38 -6.48 3.24
C THR A 262 9.23 -5.22 3.16
N CYS A 263 9.68 -4.70 4.30
CA CYS A 263 10.55 -3.53 4.33
C CYS A 263 11.37 -3.56 5.62
N ALA A 264 12.38 -2.68 5.67
CA ALA A 264 13.32 -2.70 6.78
C ALA A 264 13.88 -1.30 7.03
N SER A 265 14.37 -1.10 8.25
CA SER A 265 14.98 0.15 8.67
C SER A 265 16.48 -0.04 8.84
N GLU A 266 17.26 0.79 8.16
CA GLU A 266 18.71 0.78 8.29
C GLU A 266 19.12 1.96 9.17
N TYR A 267 19.97 1.70 10.15
CA TYR A 267 20.45 2.72 11.08
C TYR A 267 21.96 2.73 11.10
N THR A 268 22.55 3.90 10.86
CA THR A 268 23.99 4.08 10.83
C THR A 268 24.35 5.18 11.82
N GLY A 269 25.19 4.84 12.80
CA GLY A 269 25.66 5.82 13.77
C GLY A 269 25.60 5.26 15.17
N ASN A 270 25.62 6.17 16.14
CA ASN A 270 25.66 5.82 17.55
C ASN A 270 24.25 5.84 18.13
N TYR A 271 24.13 5.32 19.35
CA TYR A 271 22.89 5.43 20.10
C TYR A 271 22.46 6.88 20.25
N GLN A 272 21.24 7.16 19.79
CA GLN A 272 20.61 8.48 19.86
C GLN A 272 21.30 9.53 19.00
N CYS A 273 22.10 9.11 18.03
CA CYS A 273 22.66 10.05 17.04
C CYS A 273 23.05 9.22 15.81
N GLY A 274 22.18 9.17 14.81
CA GLY A 274 22.42 8.35 13.64
C GLY A 274 21.48 8.70 12.51
N HIS A 275 21.74 8.10 11.36
CA HIS A 275 20.95 8.28 10.14
C HIS A 275 20.11 7.04 9.83
N TYR A 276 18.87 7.25 9.43
CA TYR A 276 17.95 6.19 9.03
C TYR A 276 17.82 6.11 7.52
N LYS A 277 17.76 4.89 6.99
CA LYS A 277 17.41 4.65 5.61
C LYS A 277 16.37 3.54 5.53
N HIS A 278 15.55 3.58 4.48
CA HIS A 278 14.45 2.64 4.29
C HIS A 278 14.76 1.67 3.15
N ILE A 279 14.67 0.38 3.44
CA ILE A 279 14.89 -0.68 2.46
C ILE A 279 13.56 -1.38 2.21
N THR A 280 13.17 -1.50 0.94
CA THR A 280 11.93 -2.16 0.58
C THR A 280 12.19 -3.20 -0.50
N SER A 281 11.38 -4.27 -0.49
CA SER A 281 11.54 -5.41 -1.38
C SER A 281 10.43 -5.39 -2.43
N LYS A 282 10.74 -4.90 -3.61
CA LYS A 282 9.81 -4.88 -4.74
C LYS A 282 10.24 -5.96 -5.74
N GLU A 283 10.34 -5.66 -7.04
CA GLU A 283 10.91 -6.64 -7.96
C GLU A 283 12.39 -6.86 -7.67
N THR A 284 13.06 -5.83 -7.16
CA THR A 284 14.42 -5.92 -6.64
C THR A 284 14.44 -5.15 -5.33
N LEU A 285 15.62 -5.00 -4.73
CA LEU A 285 15.76 -4.25 -3.49
C LEU A 285 15.98 -2.78 -3.79
N TYR A 286 15.17 -1.93 -3.15
CA TYR A 286 15.26 -0.49 -3.31
C TYR A 286 15.60 0.13 -1.95
N CYS A 287 16.43 1.16 -1.98
CA CYS A 287 16.82 1.91 -0.80
C CYS A 287 16.35 3.34 -0.96
N ILE A 288 15.47 3.79 -0.06
CA ILE A 288 14.91 5.14 -0.11
C ILE A 288 15.49 5.93 1.06
N ASP A 289 16.18 7.02 0.72
CA ASP A 289 16.77 7.94 1.69
C ASP A 289 16.17 9.31 1.41
N GLY A 290 15.01 9.58 2.01
CA GLY A 290 14.29 10.80 1.74
C GLY A 290 13.85 10.89 0.29
N ALA A 291 14.43 11.82 -0.46
CA ALA A 291 14.11 12.00 -1.86
C ALA A 291 15.03 11.20 -2.78
N LEU A 292 15.98 10.45 -2.22
CA LEU A 292 16.97 9.73 -3.02
C LEU A 292 16.62 8.26 -3.09
N LEU A 293 16.82 7.66 -4.25
CA LEU A 293 16.47 6.27 -4.50
C LEU A 293 17.65 5.54 -5.13
N THR A 294 17.90 4.32 -4.65
CA THR A 294 18.95 3.47 -5.18
C THR A 294 18.44 2.03 -5.20
N LYS A 295 18.87 1.27 -6.21
CA LYS A 295 18.46 -0.11 -6.38
C LYS A 295 19.66 -1.04 -6.38
N SER A 296 19.44 -2.26 -5.92
CA SER A 296 20.48 -3.29 -5.89
C SER A 296 19.81 -4.64 -5.72
N SER A 297 20.47 -5.68 -6.23
CA SER A 297 19.90 -7.03 -6.17
C SER A 297 20.09 -7.66 -4.79
N GLU A 298 21.23 -7.41 -4.16
CA GLU A 298 21.50 -7.89 -2.81
C GLU A 298 21.70 -6.70 -1.88
N TYR A 299 21.63 -6.97 -0.57
CA TYR A 299 21.87 -5.94 0.43
C TYR A 299 22.39 -6.56 1.71
N LYS A 300 23.53 -6.08 2.18
CA LYS A 300 24.02 -6.36 3.52
C LYS A 300 24.35 -5.03 4.20
N GLY A 301 23.81 -4.81 5.39
CA GLY A 301 24.03 -3.56 6.09
C GLY A 301 23.48 -3.56 7.50
N PRO A 302 23.63 -2.42 8.20
CA PRO A 302 23.17 -2.32 9.59
C PRO A 302 21.67 -2.10 9.66
N ILE A 303 20.94 -3.14 10.04
CA ILE A 303 19.49 -3.14 10.05
C ILE A 303 19.00 -3.21 11.50
N THR A 304 17.95 -2.46 11.81
CA THR A 304 17.39 -2.43 13.15
C THR A 304 15.92 -2.84 13.21
N ASP A 305 15.16 -2.65 12.14
CA ASP A 305 13.77 -3.12 12.07
C ASP A 305 13.55 -3.85 10.76
N VAL A 306 12.77 -4.93 10.79
CA VAL A 306 12.35 -5.65 9.60
C VAL A 306 10.87 -5.98 9.73
N PHE A 307 10.11 -5.71 8.68
CA PHE A 307 8.67 -5.96 8.66
C PHE A 307 8.36 -7.14 7.75
N TYR A 308 7.52 -8.05 8.23
CA TYR A 308 7.12 -9.23 7.49
C TYR A 308 5.61 -9.26 7.34
N LYS A 309 5.14 -9.79 6.21
CA LYS A 309 3.71 -10.00 6.03
C LYS A 309 3.29 -11.28 6.73
N GLU A 310 2.06 -11.27 7.23
CA GLU A 310 1.55 -12.40 8.00
C GLU A 310 0.04 -12.44 7.86
N ASN A 311 -0.53 -13.59 8.21
CA ASN A 311 -1.98 -13.74 8.28
C ASN A 311 -2.32 -14.62 9.48
N SER A 312 -1.98 -15.90 9.37
CA SER A 312 -2.19 -16.86 10.45
C SER A 312 -1.05 -17.86 10.41
N TYR A 313 -0.38 -18.04 11.54
CA TYR A 313 0.73 -18.99 11.64
C TYR A 313 0.52 -19.88 12.86
N THR A 314 0.82 -21.16 12.70
CA THR A 314 0.81 -22.11 13.80
C THR A 314 2.06 -22.96 13.67
N THR A 315 2.65 -23.32 14.80
CA THR A 315 3.94 -24.00 14.81
C THR A 315 3.78 -25.51 14.68
N THR A 316 4.84 -26.14 14.18
CA THR A 316 4.94 -27.59 14.08
C THR A 316 5.75 -28.20 15.21
N ILE A 317 6.46 -27.39 16.00
CA ILE A 317 7.21 -27.89 17.14
C ILE A 317 6.23 -28.44 18.16
N LYS A 318 6.40 -29.70 18.52
CA LYS A 318 5.53 -30.36 19.50
C LYS A 318 5.90 -29.96 20.93
N THR B 7 28.12 -8.96 -38.89
CA THR B 7 27.80 -9.73 -37.71
C THR B 7 27.71 -8.83 -36.49
N ILE B 8 26.64 -8.98 -35.72
CA ILE B 8 26.44 -8.23 -34.48
C ILE B 8 26.28 -9.21 -33.32
N LYS B 9 26.39 -8.67 -32.11
CA LYS B 9 26.21 -9.43 -30.88
C LYS B 9 24.94 -8.94 -30.19
N VAL B 10 24.09 -9.88 -29.78
CA VAL B 10 22.82 -9.57 -29.15
C VAL B 10 22.62 -10.51 -27.96
N PHE B 11 21.58 -10.23 -27.19
CA PHE B 11 21.14 -11.07 -26.09
C PHE B 11 19.75 -11.61 -26.41
N THR B 12 19.55 -12.90 -26.20
CA THR B 12 18.23 -13.50 -26.29
C THR B 12 17.76 -13.93 -24.90
N THR B 13 16.45 -13.81 -24.67
CA THR B 13 15.89 -14.13 -23.38
C THR B 13 14.42 -14.49 -23.56
N VAL B 14 13.88 -15.11 -22.52
CA VAL B 14 12.43 -15.32 -22.43
C VAL B 14 11.83 -14.66 -21.20
N ASP B 15 12.65 -14.30 -20.20
CA ASP B 15 12.16 -13.68 -18.97
C ASP B 15 12.78 -12.33 -18.70
N ASN B 16 13.70 -11.88 -19.55
CA ASN B 16 14.47 -10.64 -19.35
C ASN B 16 15.26 -10.68 -18.04
N ILE B 17 15.59 -11.88 -17.57
CA ILE B 17 16.38 -12.06 -16.36
C ILE B 17 17.60 -12.90 -16.72
N ASN B 18 17.35 -14.09 -17.25
CA ASN B 18 18.42 -14.95 -17.76
C ASN B 18 18.68 -14.56 -19.21
N LEU B 19 19.77 -13.83 -19.44
CA LEU B 19 20.16 -13.43 -20.78
C LEU B 19 21.16 -14.42 -21.34
N HIS B 20 21.06 -14.70 -22.63
CA HIS B 20 21.93 -15.64 -23.33
C HIS B 20 22.61 -14.90 -24.47
N THR B 21 23.93 -14.85 -24.45
CA THR B 21 24.67 -14.15 -25.50
C THR B 21 24.54 -14.92 -26.81
N GLN B 22 24.32 -14.18 -27.89
CA GLN B 22 24.15 -14.78 -29.21
C GLN B 22 24.85 -13.92 -30.25
N VAL B 23 25.38 -14.59 -31.28
CA VAL B 23 25.94 -13.94 -32.45
C VAL B 23 24.99 -14.15 -33.62
N VAL B 24 24.79 -13.11 -34.42
CA VAL B 24 23.75 -13.12 -35.45
C VAL B 24 24.36 -12.72 -36.79
N ASP B 25 23.99 -13.45 -37.84
CA ASP B 25 24.42 -13.14 -39.20
C ASP B 25 23.62 -11.96 -39.73
N MET B 26 24.33 -10.93 -40.21
CA MET B 26 23.68 -9.72 -40.68
C MET B 26 22.92 -9.91 -42.00
N SER B 27 23.05 -11.07 -42.64
CA SER B 27 22.38 -11.33 -43.91
C SER B 27 21.10 -12.14 -43.79
N MET B 28 20.81 -12.70 -42.61
CA MET B 28 19.59 -13.46 -42.40
C MET B 28 18.67 -12.74 -41.43
N THR B 29 17.36 -12.92 -41.62
CA THR B 29 16.38 -12.36 -40.71
C THR B 29 16.45 -13.05 -39.36
N TYR B 30 15.88 -12.39 -38.34
CA TYR B 30 15.87 -12.96 -37.00
C TYR B 30 15.10 -14.27 -36.95
N GLY B 31 14.03 -14.39 -37.74
CA GLY B 31 13.23 -15.60 -37.73
C GLY B 31 13.97 -16.81 -38.27
N GLN B 32 14.88 -16.60 -39.22
CA GLN B 32 15.66 -17.70 -39.78
C GLN B 32 16.73 -18.21 -38.82
N GLN B 33 17.04 -17.46 -37.76
CA GLN B 33 18.07 -17.83 -36.81
C GLN B 33 17.55 -18.05 -35.39
N PHE B 34 16.49 -17.37 -34.98
CA PHE B 34 15.93 -17.49 -33.65
C PHE B 34 14.48 -17.95 -33.61
N GLY B 35 13.79 -17.97 -34.74
CA GLY B 35 12.36 -18.15 -34.75
C GLY B 35 11.68 -16.84 -34.49
N PRO B 36 10.42 -16.87 -34.03
CA PRO B 36 9.74 -15.63 -33.68
C PRO B 36 10.53 -14.82 -32.67
N THR B 37 10.79 -13.55 -33.00
CA THR B 37 11.65 -12.69 -32.21
C THR B 37 11.01 -11.32 -32.08
N TYR B 38 11.13 -10.72 -30.90
CA TYR B 38 10.51 -9.45 -30.60
C TYR B 38 11.51 -8.52 -29.93
N LEU B 39 11.35 -7.22 -30.19
CA LEU B 39 12.19 -6.20 -29.56
C LEU B 39 11.22 -5.18 -28.96
N ASP B 40 11.08 -5.21 -27.63
CA ASP B 40 10.18 -4.32 -26.89
C ASP B 40 8.75 -4.41 -27.43
N GLY B 41 8.29 -5.64 -27.65
CA GLY B 41 6.95 -5.88 -28.16
C GLY B 41 6.81 -5.78 -29.67
N ALA B 42 7.79 -5.22 -30.37
CA ALA B 42 7.74 -5.10 -31.82
C ALA B 42 8.24 -6.40 -32.46
N ASP B 43 7.49 -6.90 -33.43
CA ASP B 43 7.83 -8.15 -34.11
C ASP B 43 8.96 -7.87 -35.11
N VAL B 44 10.09 -8.54 -34.92
CA VAL B 44 11.24 -8.39 -35.81
C VAL B 44 11.62 -9.73 -36.43
N THR B 45 10.66 -10.65 -36.53
CA THR B 45 10.93 -11.96 -37.11
C THR B 45 11.37 -11.84 -38.56
N LYS B 46 10.63 -11.06 -39.36
CA LYS B 46 10.95 -10.84 -40.77
C LYS B 46 11.64 -9.50 -40.97
N ILE B 47 12.63 -9.21 -40.13
CA ILE B 47 13.40 -7.97 -40.18
C ILE B 47 14.87 -8.33 -40.07
N LYS B 48 15.69 -7.79 -40.99
CA LYS B 48 17.13 -7.98 -40.89
C LYS B 48 17.73 -7.11 -39.78
N PRO B 49 18.79 -7.57 -39.14
CA PRO B 49 19.41 -6.80 -38.05
C PRO B 49 19.98 -5.48 -38.57
N HIS B 50 19.68 -4.40 -37.83
CA HIS B 50 20.29 -3.11 -38.09
C HIS B 50 21.51 -2.95 -37.18
N ASN B 51 22.30 -1.90 -37.46
CA ASN B 51 23.51 -1.69 -36.68
C ASN B 51 23.20 -1.27 -35.25
N SER B 52 22.06 -0.60 -35.04
CA SER B 52 21.64 -0.19 -33.71
C SER B 52 21.23 -1.37 -32.83
N HIS B 53 21.02 -2.56 -33.40
CA HIS B 53 20.62 -3.72 -32.62
C HIS B 53 21.78 -4.36 -31.88
N GLU B 54 22.98 -3.79 -31.96
CA GLU B 54 24.13 -4.31 -31.25
C GLU B 54 23.95 -4.18 -29.75
N GLY B 55 23.92 -5.30 -29.05
CA GLY B 55 23.87 -5.33 -27.60
C GLY B 55 22.48 -5.33 -26.99
N LYS B 56 21.44 -5.10 -27.77
CA LYS B 56 20.10 -5.07 -27.23
C LYS B 56 19.60 -6.48 -26.93
N THR B 57 18.60 -6.57 -26.05
CA THR B 57 18.03 -7.83 -25.62
C THR B 57 16.74 -8.11 -26.40
N PHE B 58 16.58 -9.33 -26.88
CA PHE B 58 15.44 -9.73 -27.67
C PHE B 58 14.68 -10.85 -26.98
N TYR B 59 13.36 -10.78 -27.02
CA TYR B 59 12.52 -11.89 -26.59
C TYR B 59 12.36 -12.89 -27.72
N VAL B 60 12.51 -14.16 -27.41
CA VAL B 60 12.36 -15.22 -28.40
C VAL B 60 11.43 -16.29 -27.84
N LEU B 61 10.64 -16.90 -28.72
CA LEU B 61 9.81 -18.02 -28.32
C LEU B 61 10.71 -19.20 -27.95
N PRO B 62 10.40 -19.91 -26.86
CA PRO B 62 11.28 -21.00 -26.42
C PRO B 62 11.42 -22.12 -27.43
N ASN B 63 12.63 -22.26 -28.01
CA ASN B 63 12.90 -23.29 -29.01
C ASN B 63 13.77 -24.42 -28.48
N ASP B 64 14.28 -24.33 -27.26
CA ASP B 64 15.04 -25.42 -26.63
C ASP B 64 14.55 -25.59 -25.20
N ASP B 65 15.12 -26.58 -24.51
CA ASP B 65 14.61 -26.94 -23.19
C ASP B 65 14.99 -25.90 -22.13
N THR B 66 16.16 -25.28 -22.27
CA THR B 66 16.55 -24.26 -21.29
C THR B 66 15.56 -23.11 -21.29
N LEU B 67 15.15 -22.65 -22.48
CA LEU B 67 14.20 -21.55 -22.56
C LEU B 67 12.79 -21.99 -22.19
N ARG B 68 12.44 -23.25 -22.45
CA ARG B 68 11.12 -23.73 -22.03
C ARG B 68 11.00 -23.75 -20.52
N VAL B 69 12.03 -24.23 -19.83
CA VAL B 69 12.01 -24.25 -18.37
C VAL B 69 12.00 -22.83 -17.82
N GLU B 70 12.87 -21.96 -18.35
CA GLU B 70 12.91 -20.57 -17.89
C GLU B 70 11.58 -19.87 -18.13
N ALA B 71 10.92 -20.19 -19.24
CA ALA B 71 9.64 -19.54 -19.54
C ALA B 71 8.56 -19.94 -18.54
N PHE B 72 8.51 -21.22 -18.16
CA PHE B 72 7.51 -21.65 -17.19
C PHE B 72 7.80 -21.07 -15.81
N GLU B 73 9.06 -21.15 -15.37
CA GLU B 73 9.38 -20.63 -14.04
C GLU B 73 9.05 -19.15 -13.91
N TYR B 74 9.02 -18.41 -15.01
CA TYR B 74 8.70 -16.99 -14.95
C TYR B 74 7.21 -16.73 -15.17
N TYR B 75 6.59 -17.42 -16.13
CA TYR B 75 5.20 -17.16 -16.48
C TYR B 75 4.23 -18.24 -16.00
N HIS B 76 4.73 -19.40 -15.56
CA HIS B 76 3.89 -20.50 -15.08
C HIS B 76 2.92 -20.96 -16.17
N THR B 77 3.37 -20.94 -17.42
CA THR B 77 2.60 -21.48 -18.52
C THR B 77 3.55 -22.08 -19.55
N THR B 78 3.09 -23.14 -20.21
CA THR B 78 3.81 -23.74 -21.32
C THR B 78 3.14 -23.46 -22.66
N ASP B 79 2.05 -22.69 -22.69
CA ASP B 79 1.38 -22.32 -23.92
C ASP B 79 2.34 -21.61 -24.86
N PRO B 80 2.58 -22.15 -26.07
CA PRO B 80 3.59 -21.54 -26.95
C PRO B 80 3.22 -20.14 -27.41
N SER B 81 1.94 -19.79 -27.44
CA SER B 81 1.49 -18.50 -27.94
C SER B 81 1.53 -17.39 -26.90
N PHE B 82 1.80 -17.70 -25.63
CA PHE B 82 1.71 -16.69 -24.58
C PHE B 82 2.63 -15.52 -24.87
N LEU B 83 3.90 -15.78 -25.19
CA LEU B 83 4.84 -14.70 -25.44
C LEU B 83 4.36 -13.80 -26.58
N GLY B 84 3.76 -14.37 -27.61
CA GLY B 84 3.28 -13.56 -28.72
C GLY B 84 2.14 -12.64 -28.32
N ARG B 85 1.14 -13.19 -27.61
CA ARG B 85 0.04 -12.36 -27.14
C ARG B 85 0.53 -11.30 -26.15
N TYR B 86 1.51 -11.67 -25.31
CA TYR B 86 2.12 -10.71 -24.39
C TYR B 86 2.83 -9.60 -25.15
N MET B 87 3.72 -9.97 -26.08
CA MET B 87 4.46 -8.96 -26.83
C MET B 87 3.54 -8.11 -27.70
N SER B 88 2.49 -8.71 -28.26
CA SER B 88 1.55 -7.94 -29.07
CA SER B 88 1.55 -7.94 -29.07
C SER B 88 0.80 -6.92 -28.21
N ALA B 89 0.38 -7.33 -27.02
CA ALA B 89 -0.27 -6.38 -26.11
C ALA B 89 0.73 -5.36 -25.59
N LEU B 90 1.95 -5.79 -25.30
CA LEU B 90 2.97 -4.88 -24.80
C LEU B 90 3.30 -3.80 -25.82
N ASN B 91 3.21 -4.11 -27.11
CA ASN B 91 3.48 -3.12 -28.15
C ASN B 91 2.52 -1.94 -28.08
N HIS B 92 1.33 -2.13 -27.51
CA HIS B 92 0.37 -1.04 -27.31
C HIS B 92 0.48 -0.42 -25.92
N THR B 93 0.55 -1.25 -24.88
CA THR B 93 0.53 -0.72 -23.51
C THR B 93 1.78 0.10 -23.19
N LYS B 94 2.90 -0.17 -23.88
CA LYS B 94 4.07 0.67 -23.68
C LYS B 94 3.87 2.09 -24.21
N LYS B 95 2.83 2.31 -25.02
CA LYS B 95 2.50 3.62 -25.54
C LYS B 95 1.40 4.31 -24.73
N TRP B 96 0.80 3.61 -23.78
CA TRP B 96 -0.22 4.23 -22.93
C TRP B 96 0.42 5.17 -21.92
N LYS B 97 -0.42 6.04 -21.36
CA LYS B 97 0.00 6.96 -20.29
C LYS B 97 -0.56 6.45 -18.97
N TYR B 98 0.27 6.45 -17.94
CA TYR B 98 -0.08 5.90 -16.63
C TYR B 98 0.06 6.98 -15.56
N PRO B 99 -0.90 7.91 -15.49
CA PRO B 99 -0.80 8.99 -14.52
C PRO B 99 -1.12 8.53 -13.10
N GLN B 100 -0.54 9.26 -12.13
CA GLN B 100 -0.84 9.05 -10.73
C GLN B 100 -2.10 9.83 -10.36
N VAL B 101 -3.13 9.12 -9.91
CA VAL B 101 -4.42 9.72 -9.60
C VAL B 101 -4.80 9.32 -8.18
N ASN B 102 -4.88 10.30 -7.28
CA ASN B 102 -5.27 10.07 -5.89
C ASN B 102 -4.39 9.02 -5.23
N GLY B 103 -3.08 9.11 -5.47
CA GLY B 103 -2.17 8.15 -4.89
C GLY B 103 -2.22 6.76 -5.51
N LEU B 104 -2.84 6.64 -6.68
CA LEU B 104 -2.96 5.36 -7.38
C LEU B 104 -2.50 5.52 -8.81
N THR B 105 -1.99 4.42 -9.38
CA THR B 105 -1.59 4.40 -10.77
C THR B 105 -2.79 4.05 -11.63
N SER B 106 -3.19 4.97 -12.50
CA SER B 106 -4.30 4.76 -13.41
C SER B 106 -3.79 4.68 -14.84
N ILE B 107 -4.70 4.64 -15.80
CA ILE B 107 -4.35 4.59 -17.22
C ILE B 107 -5.14 5.68 -17.93
N LYS B 108 -4.44 6.57 -18.62
CA LYS B 108 -5.12 7.49 -19.52
C LYS B 108 -5.80 6.70 -20.62
N TRP B 109 -7.03 7.08 -20.96
CA TRP B 109 -7.84 6.25 -21.84
C TRP B 109 -7.20 6.09 -23.22
N ALA B 110 -7.21 4.86 -23.71
CA ALA B 110 -6.72 4.51 -25.04
C ALA B 110 -7.12 3.07 -25.32
N ASP B 111 -7.42 2.80 -26.59
CA ASP B 111 -7.68 1.44 -27.08
C ASP B 111 -8.69 0.71 -26.22
N ASN B 112 -9.72 1.44 -25.78
CA ASN B 112 -10.86 0.87 -25.07
C ASN B 112 -10.44 0.15 -23.78
N ASN B 113 -9.59 0.82 -22.99
CA ASN B 113 -9.04 0.23 -21.77
C ASN B 113 -9.78 0.67 -20.51
N CYS B 114 -11.05 1.08 -20.63
CA CYS B 114 -11.80 1.53 -19.47
C CYS B 114 -11.81 0.48 -18.36
N TYR B 115 -12.03 -0.78 -18.71
CA TYR B 115 -12.10 -1.83 -17.69
C TYR B 115 -10.72 -2.15 -17.11
N LEU B 116 -9.67 -2.02 -17.92
CA LEU B 116 -8.32 -2.28 -17.41
C LEU B 116 -7.91 -1.26 -16.35
N ALA B 117 -8.18 0.02 -16.59
CA ALA B 117 -7.88 1.05 -15.60
C ALA B 117 -8.61 0.78 -14.29
N THR B 118 -9.90 0.42 -14.37
CA THR B 118 -10.65 0.11 -13.16
C THR B 118 -10.08 -1.13 -12.47
N ALA B 119 -9.70 -2.13 -13.25
CA ALA B 119 -9.09 -3.33 -12.68
C ALA B 119 -7.75 -3.00 -12.03
N LEU B 120 -6.92 -2.21 -12.71
CA LEU B 120 -5.61 -1.84 -12.16
C LEU B 120 -5.76 -1.08 -10.85
N LEU B 121 -6.70 -0.12 -10.81
CA LEU B 121 -6.90 0.65 -9.58
C LEU B 121 -7.37 -0.24 -8.44
N THR B 122 -8.21 -1.23 -8.74
CA THR B 122 -8.68 -2.14 -7.71
C THR B 122 -7.54 -3.00 -7.16
N LEU B 123 -6.70 -3.54 -8.06
CA LEU B 123 -5.62 -4.41 -7.64
C LEU B 123 -4.66 -3.72 -6.67
N GLN B 124 -4.50 -2.40 -6.80
CA GLN B 124 -3.61 -1.66 -5.91
C GLN B 124 -4.21 -1.41 -4.53
N GLN B 125 -5.44 -1.87 -4.28
CA GLN B 125 -6.11 -1.60 -3.02
C GLN B 125 -6.54 -2.86 -2.28
N ILE B 126 -6.20 -4.04 -2.79
CA ILE B 126 -6.49 -5.29 -2.10
C ILE B 126 -5.20 -6.07 -1.93
N GLU B 127 -5.13 -6.87 -0.88
CA GLU B 127 -3.92 -7.65 -0.59
C GLU B 127 -3.87 -8.89 -1.46
N LEU B 128 -2.86 -8.97 -2.31
CA LEU B 128 -2.79 -10.02 -3.33
C LEU B 128 -1.33 -10.34 -3.61
N LYS B 129 -1.01 -11.63 -3.65
CA LYS B 129 0.30 -12.11 -4.07
C LYS B 129 0.10 -13.05 -5.25
N PHE B 130 0.76 -12.75 -6.37
CA PHE B 130 0.62 -13.54 -7.59
C PHE B 130 1.65 -14.66 -7.61
N ASN B 131 1.23 -15.83 -8.10
CA ASN B 131 2.16 -16.96 -8.18
C ASN B 131 3.21 -16.76 -9.27
N PRO B 132 2.88 -16.39 -10.51
CA PRO B 132 3.92 -16.20 -11.52
C PRO B 132 4.81 -15.03 -11.16
N PRO B 133 6.12 -15.25 -11.10
CA PRO B 133 7.05 -14.12 -10.88
C PRO B 133 6.86 -13.00 -11.88
N ALA B 134 6.50 -13.31 -13.13
CA ALA B 134 6.26 -12.27 -14.11
C ALA B 134 5.15 -11.33 -13.66
N LEU B 135 4.05 -11.90 -13.15
CA LEU B 135 2.95 -11.07 -12.66
C LEU B 135 3.36 -10.29 -11.43
N GLN B 136 4.07 -10.93 -10.50
CA GLN B 136 4.46 -10.25 -9.26
C GLN B 136 5.40 -9.09 -9.54
N ASP B 137 6.41 -9.30 -10.40
CA ASP B 137 7.32 -8.21 -10.75
C ASP B 137 6.57 -7.05 -11.41
N ALA B 138 5.67 -7.36 -12.34
CA ALA B 138 4.93 -6.29 -13.01
C ALA B 138 3.97 -5.59 -12.05
N TYR B 139 3.40 -6.34 -11.11
CA TYR B 139 2.55 -5.74 -10.07
C TYR B 139 3.31 -4.65 -9.33
N TYR B 140 4.53 -4.96 -8.88
CA TYR B 140 5.35 -3.97 -8.18
C TYR B 140 5.65 -2.77 -9.06
N ARG B 141 6.18 -3.01 -10.26
CA ARG B 141 6.53 -1.92 -11.16
C ARG B 141 5.32 -1.12 -11.58
N ALA B 142 4.13 -1.73 -11.58
CA ALA B 142 2.92 -0.98 -11.88
C ALA B 142 2.60 -0.01 -10.75
N ARG B 143 2.79 -0.43 -9.50
CA ARG B 143 2.55 0.44 -8.36
C ARG B 143 3.49 1.64 -8.37
N ALA B 144 4.69 1.47 -8.91
CA ALA B 144 5.64 2.58 -9.03
C ALA B 144 5.37 3.47 -10.25
N GLY B 145 4.41 3.11 -11.09
CA GLY B 145 4.04 3.93 -12.23
C GLY B 145 4.42 3.37 -13.59
N GLU B 146 5.11 2.23 -13.66
CA GLU B 146 5.48 1.61 -14.93
C GLU B 146 4.61 0.36 -15.12
N ALA B 147 3.34 0.59 -15.47
CA ALA B 147 2.32 -0.45 -15.50
C ALA B 147 2.17 -1.10 -16.87
N ALA B 148 3.04 -0.78 -17.84
CA ALA B 148 2.87 -1.31 -19.20
C ALA B 148 2.95 -2.83 -19.22
N ASN B 149 4.01 -3.39 -18.65
CA ASN B 149 4.15 -4.85 -18.63
C ASN B 149 3.02 -5.51 -17.86
N PHE B 150 2.56 -4.87 -16.78
CA PHE B 150 1.48 -5.45 -16.00
C PHE B 150 0.19 -5.52 -16.82
N CYS B 151 -0.15 -4.42 -17.50
CA CYS B 151 -1.34 -4.43 -18.34
C CYS B 151 -1.23 -5.46 -19.46
N ALA B 152 -0.05 -5.55 -20.08
CA ALA B 152 0.14 -6.53 -21.15
C ALA B 152 0.00 -7.96 -20.63
N LEU B 153 0.55 -8.24 -19.45
CA LEU B 153 0.43 -9.58 -18.87
C LEU B 153 -1.01 -9.87 -18.47
N ILE B 154 -1.73 -8.87 -17.97
CA ILE B 154 -3.13 -9.07 -17.64
C ILE B 154 -3.91 -9.50 -18.87
N LEU B 155 -3.66 -8.84 -20.01
CA LEU B 155 -4.33 -9.21 -21.25
C LEU B 155 -3.97 -10.62 -21.68
N ALA B 156 -2.69 -10.98 -21.58
CA ALA B 156 -2.26 -12.31 -22.03
C ALA B 156 -2.87 -13.41 -21.17
N TYR B 157 -2.84 -13.25 -19.85
CA TYR B 157 -3.39 -14.27 -18.97
C TYR B 157 -4.90 -14.42 -19.09
N CYS B 158 -5.59 -13.38 -19.57
CA CYS B 158 -7.05 -13.42 -19.69
C CYS B 158 -7.52 -13.76 -21.09
N ASN B 159 -6.59 -14.00 -22.02
CA ASN B 159 -6.93 -14.27 -23.42
C ASN B 159 -7.77 -13.14 -24.01
N LYS B 160 -7.38 -11.90 -23.72
CA LYS B 160 -7.96 -10.71 -24.30
C LYS B 160 -6.88 -9.97 -25.09
N THR B 161 -7.33 -9.17 -26.06
CA THR B 161 -6.43 -8.42 -26.92
C THR B 161 -6.70 -6.92 -26.75
N VAL B 162 -5.71 -6.12 -27.16
CA VAL B 162 -5.86 -4.67 -27.11
C VAL B 162 -7.04 -4.26 -27.98
N GLY B 163 -7.94 -3.47 -27.40
CA GLY B 163 -9.11 -3.02 -28.12
C GLY B 163 -10.36 -3.76 -27.70
N GLU B 164 -10.20 -5.06 -27.43
CA GLU B 164 -11.34 -5.88 -27.03
C GLU B 164 -11.93 -5.38 -25.71
N LEU B 165 -13.25 -5.30 -25.66
CA LEU B 165 -13.92 -4.91 -24.43
C LEU B 165 -13.85 -6.05 -23.42
N GLY B 166 -14.02 -5.69 -22.14
CA GLY B 166 -13.88 -6.66 -21.07
C GLY B 166 -14.76 -6.33 -19.89
N ASP B 167 -14.94 -7.34 -19.03
CA ASP B 167 -15.66 -7.21 -17.77
C ASP B 167 -14.64 -7.18 -16.64
N VAL B 168 -14.80 -6.23 -15.72
CA VAL B 168 -13.86 -6.11 -14.60
C VAL B 168 -13.96 -7.34 -13.71
N ARG B 169 -15.17 -7.85 -13.49
CA ARG B 169 -15.36 -9.02 -12.63
C ARG B 169 -14.69 -10.26 -13.20
N GLU B 170 -14.80 -10.46 -14.51
CA GLU B 170 -14.15 -11.60 -15.15
C GLU B 170 -12.63 -11.47 -15.08
N THR B 171 -12.12 -10.25 -15.22
CA THR B 171 -10.67 -10.03 -15.13
C THR B 171 -10.14 -10.36 -13.74
N MET B 172 -10.82 -9.84 -12.71
CA MET B 172 -10.42 -10.17 -11.34
C MET B 172 -10.45 -11.68 -11.10
N SER B 173 -11.47 -12.36 -11.64
CA SER B 173 -11.58 -13.80 -11.43
C SER B 173 -10.40 -14.56 -12.02
N TYR B 174 -10.01 -14.21 -13.25
CA TYR B 174 -8.84 -14.84 -13.86
C TYR B 174 -7.57 -14.58 -13.04
N LEU B 175 -7.37 -13.33 -12.62
CA LEU B 175 -6.17 -13.00 -11.87
C LEU B 175 -6.14 -13.70 -10.51
N PHE B 176 -7.30 -13.85 -9.87
CA PHE B 176 -7.35 -14.55 -8.60
C PHE B 176 -6.96 -16.02 -8.74
N GLN B 177 -7.13 -16.58 -9.93
CA GLN B 177 -6.71 -17.96 -10.16
CA GLN B 177 -6.71 -17.96 -10.16
C GLN B 177 -5.19 -18.09 -10.22
N HIS B 178 -4.48 -17.01 -10.55
CA HIS B 178 -3.04 -16.99 -10.58
C HIS B 178 -2.44 -16.38 -9.31
N ALA B 179 -3.24 -16.23 -8.26
CA ALA B 179 -2.79 -15.66 -6.99
C ALA B 179 -2.91 -16.72 -5.89
N ASN B 180 -2.15 -16.49 -4.81
CA ASN B 180 -2.11 -17.40 -3.67
C ASN B 180 -3.29 -17.09 -2.75
N LEU B 181 -4.43 -17.73 -3.03
CA LEU B 181 -5.62 -17.61 -2.19
C LEU B 181 -5.98 -18.93 -1.52
N ASP B 182 -4.98 -19.74 -1.18
CA ASP B 182 -5.25 -21.05 -0.58
C ASP B 182 -5.80 -20.93 0.83
N SER B 183 -5.39 -19.90 1.58
CA SER B 183 -5.85 -19.72 2.95
C SER B 183 -7.28 -19.24 3.06
N CYS B 184 -7.89 -18.78 1.97
CA CYS B 184 -9.21 -18.18 2.03
C CYS B 184 -10.30 -19.24 2.19
N LYS B 185 -11.13 -19.09 3.22
CA LYS B 185 -12.24 -19.98 3.49
C LYS B 185 -13.52 -19.18 3.63
N ARG B 186 -14.63 -19.75 3.16
CA ARG B 186 -15.95 -19.15 3.28
C ARG B 186 -16.97 -20.25 3.48
N VAL B 187 -17.71 -20.20 4.59
CA VAL B 187 -18.78 -21.16 4.84
C VAL B 187 -20.11 -20.46 4.55
N LEU B 188 -20.87 -21.02 3.60
CA LEU B 188 -22.13 -20.40 3.21
C LEU B 188 -23.31 -21.36 3.43
N THR B 201 -18.11 -25.52 3.05
CA THR B 201 -16.90 -24.71 3.09
C THR B 201 -16.33 -24.52 1.68
N LEU B 202 -15.91 -23.29 1.38
CA LEU B 202 -15.33 -22.93 0.09
C LEU B 202 -13.89 -22.48 0.28
N LYS B 203 -13.03 -22.82 -0.67
CA LYS B 203 -11.64 -22.38 -0.66
C LYS B 203 -11.30 -21.71 -1.98
N GLY B 204 -10.18 -20.98 -1.95
CA GLY B 204 -9.65 -20.35 -3.16
C GLY B 204 -10.48 -19.19 -3.67
N VAL B 205 -10.53 -19.07 -4.99
CA VAL B 205 -11.18 -17.94 -5.65
C VAL B 205 -12.65 -17.84 -5.28
N GLU B 206 -13.30 -18.98 -5.06
CA GLU B 206 -14.73 -18.98 -4.74
C GLU B 206 -15.00 -18.42 -3.35
N ALA B 207 -13.98 -18.37 -2.48
CA ALA B 207 -14.18 -17.85 -1.12
C ALA B 207 -14.19 -16.32 -1.07
N VAL B 208 -13.64 -15.65 -2.09
CA VAL B 208 -13.55 -14.19 -2.09
C VAL B 208 -14.48 -13.54 -3.08
N MET B 209 -15.17 -14.31 -3.92
CA MET B 209 -16.05 -13.78 -4.94
C MET B 209 -17.48 -14.24 -4.69
N TYR B 210 -18.43 -13.33 -4.92
CA TYR B 210 -19.85 -13.65 -4.82
C TYR B 210 -20.63 -12.81 -5.82
N MET B 211 -21.54 -13.46 -6.53
CA MET B 211 -22.42 -12.82 -7.49
C MET B 211 -23.83 -12.83 -6.94
N GLY B 212 -24.46 -11.67 -6.85
CA GLY B 212 -25.81 -11.58 -6.33
C GLY B 212 -26.17 -10.22 -5.79
N THR B 213 -25.54 -9.81 -4.70
CA THR B 213 -25.78 -8.53 -4.08
C THR B 213 -24.47 -7.73 -3.99
N LEU B 214 -24.60 -6.41 -3.96
CA LEU B 214 -23.46 -5.54 -3.75
C LEU B 214 -23.18 -5.29 -2.27
N SER B 215 -24.17 -5.48 -1.41
CA SER B 215 -24.06 -5.16 0.01
C SER B 215 -23.48 -6.35 0.76
N TYR B 216 -22.38 -6.12 1.48
CA TYR B 216 -21.86 -7.16 2.37
C TYR B 216 -22.85 -7.47 3.48
N GLU B 217 -23.64 -6.47 3.90
CA GLU B 217 -24.63 -6.68 4.94
C GLU B 217 -25.69 -7.69 4.51
N GLN B 218 -26.23 -7.53 3.31
CA GLN B 218 -27.21 -8.50 2.82
C GLN B 218 -26.59 -9.89 2.72
N PHE B 219 -25.32 -9.95 2.31
CA PHE B 219 -24.60 -11.22 2.28
C PHE B 219 -24.43 -11.81 3.68
N LYS B 220 -24.35 -10.96 4.70
CA LYS B 220 -24.15 -11.46 6.06
C LYS B 220 -25.32 -12.33 6.51
N LYS B 221 -26.54 -11.92 6.20
CA LYS B 221 -27.73 -12.69 6.55
C LYS B 221 -28.95 -12.17 5.80
N THR B 234 -32.78 -18.28 0.08
CA THR B 234 -32.09 -17.36 0.98
C THR B 234 -30.78 -17.97 1.48
N LYS B 235 -29.70 -17.19 1.38
CA LYS B 235 -28.36 -17.60 1.79
C LYS B 235 -27.82 -16.67 2.86
N TYR B 236 -27.03 -17.23 3.78
CA TYR B 236 -26.40 -16.44 4.84
C TYR B 236 -24.97 -16.94 5.06
N LEU B 237 -24.11 -16.00 5.48
CA LEU B 237 -22.69 -16.28 5.66
C LEU B 237 -22.40 -16.71 7.09
N VAL B 238 -21.61 -17.78 7.24
CA VAL B 238 -21.29 -18.31 8.55
C VAL B 238 -19.90 -17.83 8.99
N GLN B 239 -18.88 -18.10 8.19
CA GLN B 239 -17.53 -17.63 8.48
C GLN B 239 -16.85 -17.19 7.19
N GLN B 240 -15.96 -16.20 7.32
CA GLN B 240 -15.22 -15.65 6.19
C GLN B 240 -13.82 -15.32 6.65
N GLU B 241 -12.82 -16.05 6.14
CA GLU B 241 -11.41 -15.82 6.46
C GLU B 241 -10.67 -15.52 5.17
N SER B 242 -10.54 -14.24 4.84
CA SER B 242 -9.88 -13.82 3.61
C SER B 242 -9.52 -12.35 3.74
N PRO B 243 -8.49 -11.88 3.04
CA PRO B 243 -8.11 -10.46 3.16
C PRO B 243 -9.08 -9.51 2.49
N PHE B 244 -9.93 -10.00 1.60
CA PHE B 244 -10.92 -9.17 0.93
C PHE B 244 -12.05 -10.06 0.45
N VAL B 245 -13.13 -9.42 0.02
CA VAL B 245 -14.24 -10.08 -0.65
C VAL B 245 -14.70 -9.19 -1.80
N MET B 246 -15.00 -9.80 -2.93
CA MET B 246 -15.58 -9.07 -4.04
C MET B 246 -17.06 -9.40 -4.12
N MET B 247 -17.89 -8.37 -4.01
CA MET B 247 -19.34 -8.50 -4.09
C MET B 247 -19.77 -7.89 -5.40
N SER B 248 -20.29 -8.72 -6.30
CA SER B 248 -20.74 -8.30 -7.61
C SER B 248 -22.23 -8.54 -7.77
N ALA B 249 -22.83 -7.77 -8.67
CA ALA B 249 -24.26 -7.86 -8.96
C ALA B 249 -24.51 -7.14 -10.27
N PRO B 250 -25.57 -7.49 -11.00
CA PRO B 250 -25.87 -6.78 -12.25
C PRO B 250 -26.07 -5.30 -12.00
N PRO B 251 -25.60 -4.45 -12.90
CA PRO B 251 -25.59 -2.99 -12.64
C PRO B 251 -26.93 -2.47 -12.17
N ALA B 252 -26.90 -1.73 -11.06
CA ALA B 252 -28.10 -1.16 -10.46
C ALA B 252 -27.70 0.10 -9.72
N GLN B 253 -28.63 1.06 -9.64
CA GLN B 253 -28.41 2.24 -8.84
C GLN B 253 -28.19 1.87 -7.39
N TYR B 254 -27.11 2.38 -6.81
CA TYR B 254 -26.64 1.99 -5.50
C TYR B 254 -26.07 3.21 -4.79
N GLU B 255 -26.18 3.24 -3.46
CA GLU B 255 -25.65 4.32 -2.65
C GLU B 255 -24.43 3.83 -1.90
N LEU B 256 -23.27 4.40 -2.23
CA LEU B 256 -22.02 4.09 -1.55
C LEU B 256 -21.80 5.10 -0.43
N LYS B 257 -21.59 4.59 0.78
CA LYS B 257 -21.36 5.43 1.96
C LYS B 257 -19.90 5.39 2.35
N HIS B 258 -19.33 6.57 2.61
CA HIS B 258 -17.93 6.70 2.97
C HIS B 258 -17.58 5.83 4.18
N GLY B 259 -16.47 5.10 4.07
CA GLY B 259 -15.98 4.30 5.17
C GLY B 259 -16.61 2.92 5.31
N THR B 260 -17.58 2.56 4.48
CA THR B 260 -18.22 1.26 4.55
C THR B 260 -17.72 0.28 3.49
N PHE B 261 -16.86 0.72 2.59
CA PHE B 261 -16.33 -0.14 1.54
C PHE B 261 -14.92 0.33 1.21
N THR B 262 -14.20 -0.51 0.47
CA THR B 262 -12.85 -0.15 0.01
C THR B 262 -12.91 0.55 -1.35
N CYS B 263 -13.42 -0.13 -2.37
CA CYS B 263 -13.59 0.47 -3.69
C CYS B 263 -14.71 -0.25 -4.42
N ALA B 264 -15.13 0.33 -5.54
CA ALA B 264 -16.29 -0.17 -6.27
C ALA B 264 -16.14 0.15 -7.75
N SER B 265 -16.86 -0.62 -8.56
CA SER B 265 -16.89 -0.46 -10.02
C SER B 265 -18.24 0.09 -10.45
N GLU B 266 -18.20 1.19 -11.21
CA GLU B 266 -19.40 1.80 -11.78
C GLU B 266 -19.47 1.49 -13.27
N TYR B 267 -20.65 1.08 -13.74
CA TYR B 267 -20.84 0.74 -15.15
C TYR B 267 -22.02 1.51 -15.72
N THR B 268 -21.78 2.23 -16.82
CA THR B 268 -22.81 3.01 -17.49
C THR B 268 -22.89 2.57 -18.94
N GLY B 269 -24.06 2.08 -19.35
CA GLY B 269 -24.31 1.66 -20.71
C GLY B 269 -25.02 0.33 -20.75
N ASN B 270 -24.96 -0.32 -21.91
CA ASN B 270 -25.66 -1.58 -22.13
C ASN B 270 -24.73 -2.77 -21.92
N TYR B 271 -25.34 -3.95 -21.88
CA TYR B 271 -24.59 -5.21 -21.80
C TYR B 271 -23.62 -5.29 -22.98
N GLN B 272 -22.33 -5.48 -22.67
CA GLN B 272 -21.23 -5.56 -23.63
C GLN B 272 -20.97 -4.25 -24.36
N CYS B 273 -21.44 -3.11 -23.82
CA CYS B 273 -21.05 -1.81 -24.37
C CYS B 273 -21.29 -0.74 -23.30
N GLY B 274 -20.22 -0.35 -22.60
CA GLY B 274 -20.36 0.64 -21.56
C GLY B 274 -19.02 1.18 -21.10
N HIS B 275 -19.10 2.20 -20.24
CA HIS B 275 -17.94 2.83 -19.65
C HIS B 275 -17.85 2.44 -18.18
N TYR B 276 -16.64 2.12 -17.73
CA TYR B 276 -16.38 1.78 -16.35
C TYR B 276 -15.79 2.99 -15.64
N LYS B 277 -16.21 3.20 -14.39
CA LYS B 277 -15.62 4.20 -13.53
C LYS B 277 -15.29 3.56 -12.19
N HIS B 278 -14.25 4.08 -11.53
CA HIS B 278 -13.76 3.52 -10.29
C HIS B 278 -14.07 4.48 -9.14
N ILE B 279 -14.73 3.95 -8.11
CA ILE B 279 -15.04 4.71 -6.90
C ILE B 279 -14.22 4.12 -5.77
N THR B 280 -13.50 4.98 -5.06
CA THR B 280 -12.69 4.55 -3.92
C THR B 280 -13.03 5.39 -2.71
N SER B 281 -12.92 4.79 -1.54
CA SER B 281 -13.30 5.42 -0.27
C SER B 281 -12.03 5.76 0.49
N LYS B 282 -11.61 7.02 0.41
CA LYS B 282 -10.46 7.52 1.14
C LYS B 282 -10.97 8.38 2.30
N GLU B 283 -10.46 9.60 2.53
CA GLU B 283 -11.08 10.49 3.49
C GLU B 283 -12.47 10.90 3.04
N THR B 284 -12.70 10.96 1.73
CA THR B 284 -14.01 11.14 1.13
C THR B 284 -14.16 10.17 -0.02
N LEU B 285 -15.26 10.25 -0.79
CA LEU B 285 -15.46 9.38 -1.93
C LEU B 285 -14.82 10.01 -3.16
N TYR B 286 -13.98 9.24 -3.86
CA TYR B 286 -13.30 9.70 -5.06
C TYR B 286 -13.75 8.87 -6.25
N CYS B 287 -13.89 9.53 -7.40
CA CYS B 287 -14.27 8.89 -8.65
C CYS B 287 -13.13 9.07 -9.64
N ILE B 288 -12.53 7.96 -10.07
CA ILE B 288 -11.41 7.97 -11.00
C ILE B 288 -11.89 7.41 -12.32
N ASP B 289 -11.80 8.24 -13.37
CA ASP B 289 -12.17 7.86 -14.73
C ASP B 289 -10.92 8.03 -15.58
N GLY B 290 -10.07 6.99 -15.59
CA GLY B 290 -8.80 7.09 -16.26
C GLY B 290 -7.91 8.15 -15.66
N ALA B 291 -7.67 9.22 -16.40
CA ALA B 291 -6.85 10.33 -15.92
C ALA B 291 -7.66 11.42 -15.22
N LEU B 292 -8.98 11.24 -15.09
CA LEU B 292 -9.87 12.24 -14.52
C LEU B 292 -10.25 11.87 -13.09
N LEU B 293 -10.34 12.87 -12.22
CA LEU B 293 -10.62 12.68 -10.81
C LEU B 293 -11.76 13.58 -10.35
N THR B 294 -12.65 13.02 -9.53
CA THR B 294 -13.79 13.73 -8.98
C THR B 294 -14.02 13.28 -7.55
N LYS B 295 -14.40 14.21 -6.67
CA LYS B 295 -14.65 13.92 -5.27
C LYS B 295 -16.07 14.35 -4.88
N SER B 296 -16.64 13.63 -3.91
CA SER B 296 -17.98 13.93 -3.42
C SER B 296 -18.19 13.24 -2.07
N SER B 297 -19.09 13.82 -1.26
CA SER B 297 -19.33 13.29 0.08
C SER B 297 -20.25 12.07 0.05
N GLU B 298 -21.23 12.06 -0.85
CA GLU B 298 -22.12 10.92 -1.09
C GLU B 298 -21.92 10.44 -2.52
N TYR B 299 -22.46 9.26 -2.79
CA TYR B 299 -22.47 8.72 -4.15
C TYR B 299 -23.69 7.83 -4.32
N LYS B 300 -24.49 8.14 -5.33
CA LYS B 300 -25.54 7.25 -5.81
C LYS B 300 -25.36 7.08 -7.30
N GLY B 301 -25.24 5.84 -7.75
CA GLY B 301 -25.01 5.56 -9.15
C GLY B 301 -25.08 4.08 -9.48
N PRO B 302 -24.87 3.73 -10.75
CA PRO B 302 -24.96 2.33 -11.18
C PRO B 302 -23.69 1.56 -10.83
N ILE B 303 -23.76 0.72 -9.81
CA ILE B 303 -22.62 -0.01 -9.30
C ILE B 303 -22.80 -1.49 -9.58
N THR B 304 -21.71 -2.16 -10.00
CA THR B 304 -21.74 -3.58 -10.32
C THR B 304 -20.78 -4.42 -9.49
N ASP B 305 -19.67 -3.85 -9.02
CA ASP B 305 -18.73 -4.56 -8.14
C ASP B 305 -18.41 -3.67 -6.96
N VAL B 306 -18.32 -4.27 -5.77
CA VAL B 306 -17.88 -3.58 -4.56
C VAL B 306 -16.92 -4.48 -3.80
N PHE B 307 -15.78 -3.92 -3.39
CA PHE B 307 -14.74 -4.65 -2.68
C PHE B 307 -14.71 -4.24 -1.23
N TYR B 308 -14.65 -5.22 -0.33
CA TYR B 308 -14.61 -4.98 1.11
C TYR B 308 -13.37 -5.65 1.70
N LYS B 309 -12.76 -4.99 2.69
CA LYS B 309 -11.66 -5.59 3.44
C LYS B 309 -12.21 -6.47 4.56
N GLU B 310 -11.47 -7.54 4.86
CA GLU B 310 -11.93 -8.55 5.80
C GLU B 310 -10.74 -9.22 6.46
N ASN B 311 -11.01 -9.98 7.52
CA ASN B 311 -9.99 -10.78 8.17
C ASN B 311 -10.55 -12.13 8.61
N SER B 312 -11.41 -12.14 9.63
CA SER B 312 -12.00 -13.39 10.13
C SER B 312 -13.44 -13.13 10.62
N TYR B 313 -14.34 -12.93 9.67
CA TYR B 313 -15.74 -12.71 10.00
C TYR B 313 -16.40 -14.03 10.40
N THR B 314 -17.21 -13.98 11.46
CA THR B 314 -18.00 -15.11 11.90
C THR B 314 -19.37 -14.62 12.33
N THR B 315 -20.41 -15.39 12.03
CA THR B 315 -21.78 -14.97 12.35
C THR B 315 -22.17 -15.47 13.73
#